data_1KK0
#
_entry.id   1KK0
#
_cell.length_a   50.871
_cell.length_b   86.416
_cell.length_c   58.213
_cell.angle_alpha   90.00
_cell.angle_beta   109.75
_cell.angle_gamma   90.00
#
_symmetry.space_group_name_H-M   'P 1 21 1'
#
loop_
_entity.id
_entity.type
_entity.pdbx_description
1 polymer eIF2gamma
2 non-polymer 'ZINC ION'
3 water water
#
_entity_poly.entity_id   1
_entity_poly.type   'polypeptide(L)'
_entity_poly.pdbx_seq_one_letter_code
;GEKRKSRQAEVNIG(MSE)VGHVDHGKTTLTKALTGVWTDTHSEELRRGITIKIGFADAEIRRCPNCGRYSTSPVCPYCG
HETEFVRRVSFIDAPGHEAL(MSE)TT(MSE)LAGASL(MSE)DGAILVIAANEPCPRPQTREHL(MSE)ALQIIGQKNI
IIAQNKIELVDKEKALENYRQIKEFIEGTVAENAPIIPISALHGANIDVLVKAIEDFIPTPKRDPNKPPK(MSE)LVLRS
FDVNKPGTPPEKLVGGVLGGSIVQGKLKVGDEIEIRPGVPYEEHGRIKYEPITTEIVSLQAGGQFVEEAYPGGLVGVGTK
LDPYLTKGDL(MSE)AGNVVGKPGKLPPVWDSLRLEVHLLERVVGTEQELKVEPIKRKEVLLLNVGTART(MSE)GLVTG
LGKDEIEVKLQIPVCAEPGDRVAISRQIGSRWRLIGYGIIKE
;
_entity_poly.pdbx_strand_id   A
#
# COMPACT_ATOMS: atom_id res chain seq x y z
N SER A 6 -7.04 1.97 -21.92
CA SER A 6 -6.29 2.24 -20.66
C SER A 6 -5.17 1.24 -20.44
N ARG A 7 -3.95 1.74 -20.36
CA ARG A 7 -2.78 0.89 -20.17
C ARG A 7 -2.23 1.04 -18.75
N GLN A 8 -3.01 1.64 -17.86
CA GLN A 8 -2.56 1.84 -16.48
C GLN A 8 -2.47 0.53 -15.68
N ALA A 9 -1.81 0.61 -14.53
CA ALA A 9 -1.67 -0.56 -13.66
C ALA A 9 -3.07 -1.07 -13.31
N GLU A 10 -3.20 -2.39 -13.17
CA GLU A 10 -4.48 -3.01 -12.87
C GLU A 10 -4.55 -3.55 -11.45
N VAL A 11 -3.39 -3.85 -10.87
CA VAL A 11 -3.31 -4.37 -9.51
C VAL A 11 -2.08 -3.80 -8.82
N ASN A 12 -2.17 -3.69 -7.50
CA ASN A 12 -1.03 -3.23 -6.71
C ASN A 12 -0.54 -4.51 -6.03
N ILE A 13 0.76 -4.78 -6.13
CA ILE A 13 1.36 -5.97 -5.56
C ILE A 13 2.35 -5.59 -4.48
N GLY A 14 2.06 -5.97 -3.24
CA GLY A 14 2.95 -5.66 -2.15
C GLY A 14 4.22 -6.48 -2.15
N VAL A 16 6.50 -7.77 0.06
CA VAL A 16 6.62 -8.06 1.48
C VAL A 16 7.80 -8.96 1.80
N GLY A 17 8.84 -8.38 2.38
CA GLY A 17 10.00 -9.16 2.72
C GLY A 17 10.99 -8.24 3.37
N HIS A 18 11.93 -8.78 4.14
CA HIS A 18 12.89 -7.92 4.79
C HIS A 18 13.63 -7.14 3.73
N VAL A 19 13.83 -5.87 4.03
CA VAL A 19 14.49 -4.93 3.14
C VAL A 19 15.87 -5.37 2.64
N ASP A 20 16.24 -6.63 2.89
CA ASP A 20 17.54 -7.13 2.42
C ASP A 20 17.62 -8.61 2.01
N HIS A 21 16.48 -9.28 1.82
CA HIS A 21 16.50 -10.66 1.36
C HIS A 21 16.39 -10.71 -0.14
N GLY A 22 16.90 -9.66 -0.78
CA GLY A 22 16.86 -9.56 -2.22
C GLY A 22 15.69 -8.72 -2.67
N LYS A 23 14.81 -8.41 -1.73
CA LYS A 23 13.61 -7.63 -2.00
C LYS A 23 13.84 -6.44 -2.93
N THR A 24 14.88 -5.66 -2.67
CA THR A 24 15.18 -4.49 -3.50
C THR A 24 15.69 -4.91 -4.88
N THR A 25 16.62 -5.86 -4.90
CA THR A 25 17.17 -6.36 -6.15
C THR A 25 16.06 -7.01 -6.97
N LEU A 26 15.15 -7.69 -6.30
CA LEU A 26 14.04 -8.35 -6.99
C LEU A 26 13.07 -7.34 -7.60
N THR A 27 12.71 -6.31 -6.82
CA THR A 27 11.80 -5.29 -7.30
C THR A 27 12.35 -4.60 -8.54
N LYS A 28 13.65 -4.29 -8.50
CA LYS A 28 14.29 -3.62 -9.62
C LYS A 28 14.38 -4.54 -10.82
N ALA A 29 14.59 -5.82 -10.58
CA ALA A 29 14.67 -6.80 -11.67
C ALA A 29 13.31 -6.83 -12.37
N LEU A 30 12.23 -6.71 -11.60
CA LEU A 30 10.88 -6.73 -12.14
C LEU A 30 10.48 -5.42 -12.82
N THR A 31 10.91 -4.30 -12.26
CA THR A 31 10.55 -3.01 -12.86
C THR A 31 11.53 -2.59 -13.95
N GLY A 32 12.72 -3.19 -13.95
CA GLY A 32 13.71 -2.85 -14.95
C GLY A 32 14.41 -1.53 -14.67
N VAL A 33 14.10 -0.93 -13.52
CA VAL A 33 14.71 0.33 -13.13
C VAL A 33 16.10 0.04 -12.57
N TRP A 34 17.14 0.53 -13.25
CA TRP A 34 18.51 0.30 -12.81
C TRP A 34 19.30 1.58 -12.57
N THR A 35 18.75 2.72 -12.99
CA THR A 35 19.42 3.99 -12.80
C THR A 35 19.27 4.48 -11.37
N ASP A 36 20.39 4.94 -10.80
CA ASP A 36 20.43 5.41 -9.41
C ASP A 36 19.52 6.61 -9.14
N HIS A 38 16.83 7.51 -8.41
CA HIS A 38 15.43 7.11 -8.36
C HIS A 38 14.67 8.17 -7.58
N SER A 39 14.17 9.19 -8.26
CA SER A 39 13.46 10.24 -7.57
C SER A 39 11.94 10.15 -7.74
N GLU A 40 11.41 8.98 -7.42
CA GLU A 40 9.99 8.69 -7.41
C GLU A 40 9.89 8.65 -5.88
N GLU A 41 11.07 8.77 -5.28
CA GLU A 41 11.24 8.80 -3.83
C GLU A 41 10.62 10.10 -3.33
N LEU A 42 10.32 10.98 -4.28
CA LEU A 42 9.71 12.27 -3.98
C LEU A 42 8.20 12.16 -4.24
N ARG A 43 7.76 10.97 -4.63
CA ARG A 43 6.34 10.71 -4.91
C ARG A 43 5.75 9.83 -3.80
N ARG A 44 6.62 9.27 -2.98
CA ARG A 44 6.23 8.40 -1.88
C ARG A 44 5.25 9.07 -0.91
N GLY A 45 4.46 8.27 -0.20
CA GLY A 45 3.52 8.82 0.75
C GLY A 45 4.24 9.41 1.95
N ILE A 46 3.59 10.33 2.66
CA ILE A 46 4.19 10.94 3.83
C ILE A 46 3.40 10.69 5.12
N THR A 47 2.29 9.98 5.01
CA THR A 47 1.49 9.61 6.17
C THR A 47 1.89 8.14 6.33
N ILE A 48 1.50 7.31 5.36
CA ILE A 48 1.98 5.92 5.33
C ILE A 48 3.03 6.14 4.23
N LYS A 49 4.21 5.56 4.37
CA LYS A 49 5.29 5.77 3.40
C LYS A 49 5.29 4.82 2.21
N ILE A 50 4.13 4.62 1.61
CA ILE A 50 3.98 3.71 0.48
C ILE A 50 4.49 4.28 -0.83
N GLY A 51 5.24 3.47 -1.57
CA GLY A 51 5.78 3.87 -2.86
C GLY A 51 5.28 2.93 -3.94
N PHE A 52 5.17 3.44 -5.16
CA PHE A 52 4.69 2.65 -6.30
C PHE A 52 5.73 2.60 -7.40
N ALA A 53 5.86 1.44 -8.04
CA ALA A 53 6.79 1.25 -9.14
C ALA A 53 6.09 0.33 -10.13
N ASP A 54 5.64 0.90 -11.23
CA ASP A 54 4.93 0.16 -12.27
C ASP A 54 5.83 -0.77 -13.06
N ALA A 55 5.22 -1.80 -13.64
CA ALA A 55 5.94 -2.76 -14.48
C ALA A 55 4.95 -3.30 -15.50
N GLU A 56 5.42 -3.53 -16.73
CA GLU A 56 4.55 -4.07 -17.75
C GLU A 56 4.89 -5.53 -17.96
N ILE A 57 3.91 -6.39 -17.67
CA ILE A 57 4.10 -7.82 -17.86
C ILE A 57 3.86 -8.07 -19.34
N ARG A 58 4.82 -8.72 -19.97
CA ARG A 58 4.72 -9.01 -21.39
C ARG A 58 5.01 -10.48 -21.64
N ARG A 59 4.67 -10.96 -22.84
CA ARG A 59 4.88 -12.35 -23.17
C ARG A 59 5.51 -12.50 -24.55
N CYS A 60 6.55 -13.32 -24.63
CA CYS A 60 7.24 -13.54 -25.90
C CYS A 60 6.48 -14.49 -26.81
N PRO A 61 6.20 -14.05 -28.05
CA PRO A 61 5.47 -14.83 -29.06
C PRO A 61 6.34 -15.98 -29.59
N ASN A 62 7.65 -15.77 -29.56
CA ASN A 62 8.60 -16.76 -30.06
C ASN A 62 8.83 -17.95 -29.12
N CYS A 63 9.17 -17.69 -27.86
CA CYS A 63 9.41 -18.78 -26.92
C CYS A 63 8.31 -18.96 -25.86
N GLY A 64 7.37 -18.03 -25.82
CA GLY A 64 6.27 -18.12 -24.88
C GLY A 64 6.51 -17.75 -23.43
N ARG A 65 7.74 -17.38 -23.08
CA ARG A 65 8.06 -17.03 -21.70
C ARG A 65 7.70 -15.59 -21.34
N TYR A 66 7.34 -15.37 -20.09
CA TYR A 66 6.96 -14.04 -19.62
C TYR A 66 8.12 -13.24 -19.06
N SER A 67 8.05 -11.93 -19.19
CA SER A 67 9.08 -11.04 -18.68
C SER A 67 8.46 -9.64 -18.51
N THR A 68 9.25 -8.69 -18.05
CA THR A 68 8.74 -7.32 -17.89
C THR A 68 9.49 -6.39 -18.83
N SER A 69 10.02 -6.95 -19.92
CA SER A 69 10.77 -6.18 -20.91
C SER A 69 10.17 -6.27 -22.31
N PRO A 70 10.31 -5.18 -23.10
CA PRO A 70 9.80 -5.13 -24.48
C PRO A 70 10.58 -6.12 -25.34
N VAL A 71 11.75 -6.53 -24.85
CA VAL A 71 12.61 -7.46 -25.55
C VAL A 71 12.77 -8.72 -24.70
N CYS A 72 12.39 -9.87 -25.24
CA CYS A 72 12.51 -11.11 -24.48
C CYS A 72 13.94 -11.35 -24.02
N PRO A 73 14.13 -11.52 -22.70
CA PRO A 73 15.47 -11.75 -22.13
C PRO A 73 16.05 -13.10 -22.54
N TYR A 74 15.18 -14.01 -22.98
CA TYR A 74 15.61 -15.36 -23.33
C TYR A 74 15.91 -15.68 -24.78
N CYS A 75 15.29 -14.97 -25.73
CA CYS A 75 15.56 -15.22 -27.15
C CYS A 75 15.80 -13.92 -27.93
N GLY A 76 15.52 -12.79 -27.30
CA GLY A 76 15.76 -11.52 -27.95
C GLY A 76 14.67 -10.97 -28.86
N HIS A 77 13.57 -11.70 -28.99
CA HIS A 77 12.45 -11.27 -29.82
C HIS A 77 11.58 -10.25 -29.09
N GLU A 78 10.81 -9.48 -29.85
CA GLU A 78 9.92 -8.49 -29.26
C GLU A 78 8.75 -9.18 -28.57
N THR A 79 8.46 -8.74 -27.35
CA THR A 79 7.39 -9.32 -26.55
C THR A 79 6.07 -8.59 -26.78
N GLU A 80 4.97 -9.24 -26.42
CA GLU A 80 3.66 -8.65 -26.59
C GLU A 80 3.11 -8.21 -25.23
N PHE A 81 2.45 -7.05 -25.23
CA PHE A 81 1.88 -6.50 -24.00
C PHE A 81 0.80 -7.39 -23.41
N VAL A 82 0.87 -7.60 -22.10
CA VAL A 82 -0.12 -8.42 -21.40
C VAL A 82 -0.90 -7.61 -20.38
N ARG A 83 -0.20 -7.03 -19.42
CA ARG A 83 -0.84 -6.26 -18.38
C ARG A 83 0.17 -5.42 -17.59
N ARG A 84 -0.26 -4.25 -17.15
CA ARG A 84 0.61 -3.39 -16.36
C ARG A 84 0.17 -3.59 -14.93
N VAL A 85 1.14 -3.60 -14.03
CA VAL A 85 0.86 -3.79 -12.61
C VAL A 85 1.74 -2.79 -11.86
N SER A 86 1.49 -2.61 -10.58
CA SER A 86 2.30 -1.69 -9.80
C SER A 86 2.76 -2.37 -8.52
N PHE A 87 4.06 -2.29 -8.24
CA PHE A 87 4.57 -2.87 -7.02
C PHE A 87 4.62 -1.79 -5.97
N ILE A 88 4.11 -2.10 -4.78
CA ILE A 88 4.12 -1.14 -3.70
C ILE A 88 5.06 -1.61 -2.61
N ASP A 89 5.73 -0.65 -1.98
CA ASP A 89 6.69 -0.96 -0.93
C ASP A 89 6.75 0.20 0.06
N ALA A 90 7.46 -0.01 1.17
CA ALA A 90 7.63 1.03 2.19
C ALA A 90 9.04 0.90 2.74
N PRO A 91 9.58 2.00 3.29
CA PRO A 91 10.94 2.01 3.85
C PRO A 91 11.08 1.31 5.20
N GLY A 92 11.42 0.02 5.18
CA GLY A 92 11.59 -0.69 6.43
C GLY A 92 10.36 -1.41 6.95
N HIS A 93 10.62 -2.33 7.88
CA HIS A 93 9.59 -3.17 8.50
C HIS A 93 8.43 -2.43 9.15
N GLU A 94 8.70 -1.46 10.02
CA GLU A 94 7.63 -0.72 10.68
C GLU A 94 6.70 -0.03 9.69
N ALA A 95 7.29 0.66 8.72
CA ALA A 95 6.50 1.37 7.71
C ALA A 95 5.59 0.41 6.93
N LEU A 96 6.14 -0.71 6.49
CA LEU A 96 5.41 -1.72 5.72
C LEU A 96 4.23 -2.30 6.49
N THR A 98 2.66 -0.91 9.04
CA THR A 98 1.65 0.13 9.24
C THR A 98 0.86 0.31 7.95
N THR A 99 1.56 0.25 6.83
CA THR A 99 0.91 0.40 5.53
C THR A 99 -0.14 -0.69 5.31
N LEU A 101 -1.72 -2.63 7.64
CA LEU A 101 -2.82 -2.56 8.58
C LEU A 101 -3.75 -1.38 8.32
N ALA A 102 -3.16 -0.25 7.90
CA ALA A 102 -3.96 0.94 7.62
C ALA A 102 -4.56 0.97 6.21
N GLY A 103 -3.86 0.39 5.24
CA GLY A 103 -4.35 0.46 3.87
C GLY A 103 -4.41 -0.81 3.04
N ALA A 104 -5.06 -1.82 3.60
CA ALA A 104 -5.25 -3.11 2.94
C ALA A 104 -5.92 -2.96 1.57
N SER A 105 -6.80 -1.97 1.46
CA SER A 105 -7.53 -1.73 0.20
C SER A 105 -6.61 -1.27 -0.93
N LEU A 106 -5.36 -0.99 -0.59
CA LEU A 106 -4.39 -0.52 -1.58
C LEU A 106 -3.60 -1.69 -2.17
N ASP A 108 -3.68 -5.70 -3.76
CA ASP A 108 -4.49 -6.74 -4.41
C ASP A 108 -3.84 -8.12 -4.33
N GLY A 109 -2.58 -8.14 -3.94
CA GLY A 109 -1.85 -9.38 -3.82
C GLY A 109 -0.49 -9.03 -3.26
N ALA A 110 0.32 -10.03 -2.96
CA ALA A 110 1.65 -9.77 -2.42
C ALA A 110 2.63 -10.86 -2.77
N ILE A 111 3.90 -10.47 -2.81
CA ILE A 111 4.97 -11.39 -3.06
C ILE A 111 5.72 -11.41 -1.74
N LEU A 112 5.72 -12.55 -1.09
CA LEU A 112 6.41 -12.72 0.18
C LEU A 112 7.83 -13.21 -0.15
N VAL A 113 8.81 -12.35 0.08
CA VAL A 113 10.20 -12.69 -0.21
C VAL A 113 10.82 -13.37 1.00
N ILE A 114 11.36 -14.56 0.77
CA ILE A 114 11.99 -15.34 1.83
C ILE A 114 13.35 -15.83 1.32
N ALA A 115 14.41 -15.50 2.04
CA ALA A 115 15.74 -15.91 1.63
C ALA A 115 15.99 -17.38 1.95
N ALA A 116 16.39 -18.14 0.93
CA ALA A 116 16.68 -19.56 1.13
C ALA A 116 18.02 -19.61 1.83
N ASN A 117 18.72 -18.49 1.77
CA ASN A 117 20.03 -18.31 2.38
C ASN A 117 19.92 -18.38 3.89
N GLU A 118 18.69 -18.33 4.40
CA GLU A 118 18.48 -18.37 5.84
C GLU A 118 17.60 -19.49 6.42
N PRO A 119 18.13 -20.18 7.45
CA PRO A 119 17.49 -21.29 8.16
C PRO A 119 16.00 -21.11 8.51
N CYS A 120 15.74 -20.69 9.74
CA CYS A 120 14.37 -20.52 10.20
C CYS A 120 13.75 -19.21 9.79
N PRO A 121 12.42 -19.19 9.66
CA PRO A 121 11.72 -17.96 9.27
C PRO A 121 12.01 -16.83 10.26
N ARG A 122 12.61 -15.78 9.74
CA ARG A 122 13.01 -14.59 10.49
C ARG A 122 11.84 -13.88 11.19
N PRO A 123 12.13 -13.10 12.26
CA PRO A 123 11.07 -12.40 12.99
C PRO A 123 10.20 -11.49 12.10
N GLN A 124 10.85 -10.70 11.24
CA GLN A 124 10.11 -9.80 10.36
C GLN A 124 9.16 -10.61 9.47
N THR A 125 9.67 -11.69 8.90
CA THR A 125 8.87 -12.55 8.04
C THR A 125 7.64 -13.07 8.77
N ARG A 126 7.81 -13.40 10.04
CA ARG A 126 6.69 -13.89 10.85
C ARG A 126 5.61 -12.81 11.00
N GLU A 127 6.04 -11.56 11.17
CA GLU A 127 5.08 -10.47 11.32
C GLU A 127 4.45 -10.13 9.97
N HIS A 128 5.21 -10.31 8.91
CA HIS A 128 4.71 -10.04 7.56
C HIS A 128 3.49 -10.93 7.29
N LEU A 129 3.60 -12.20 7.63
CA LEU A 129 2.52 -13.14 7.42
C LEU A 129 1.37 -12.87 8.40
N ALA A 131 0.42 -9.94 9.40
CA ALA A 131 -0.32 -8.83 8.82
C ALA A 131 -1.19 -9.27 7.65
N LEU A 132 -0.66 -10.13 6.79
CA LEU A 132 -1.43 -10.64 5.65
C LEU A 132 -2.64 -11.41 6.15
N GLN A 133 -2.47 -12.13 7.25
CA GLN A 133 -3.55 -12.91 7.84
C GLN A 133 -4.65 -11.96 8.35
N ILE A 134 -4.23 -10.94 9.09
CA ILE A 134 -5.15 -9.96 9.65
C ILE A 134 -6.01 -9.27 8.60
N ILE A 135 -5.41 -8.83 7.51
CA ILE A 135 -6.16 -8.14 6.48
C ILE A 135 -6.81 -9.05 5.45
N GLY A 136 -6.61 -10.36 5.61
CA GLY A 136 -7.19 -11.33 4.69
C GLY A 136 -6.72 -11.27 3.25
N GLN A 137 -5.43 -11.02 3.04
CA GLN A 137 -4.86 -10.97 1.69
C GLN A 137 -4.38 -12.37 1.35
N LYS A 138 -5.07 -13.04 0.46
CA LYS A 138 -4.73 -14.40 0.08
C LYS A 138 -4.07 -14.59 -1.29
N ASN A 139 -4.06 -13.55 -2.12
CA ASN A 139 -3.43 -13.67 -3.44
C ASN A 139 -1.92 -13.50 -3.23
N ILE A 140 -1.32 -14.54 -2.67
CA ILE A 140 0.09 -14.51 -2.33
C ILE A 140 0.96 -15.42 -3.19
N ILE A 141 2.19 -14.96 -3.42
CA ILE A 141 3.19 -15.73 -4.15
C ILE A 141 4.43 -15.65 -3.26
N ILE A 142 5.08 -16.78 -3.03
CA ILE A 142 6.28 -16.77 -2.21
C ILE A 142 7.51 -16.88 -3.08
N ALA A 143 8.42 -15.92 -2.94
CA ALA A 143 9.64 -15.94 -3.73
C ALA A 143 10.78 -16.40 -2.83
N GLN A 144 11.27 -17.61 -3.06
CA GLN A 144 12.40 -18.13 -2.28
C GLN A 144 13.65 -17.60 -3.01
N ASN A 145 14.08 -16.40 -2.61
CA ASN A 145 15.22 -15.71 -3.23
C ASN A 145 16.61 -16.16 -2.77
N LYS A 146 17.62 -15.73 -3.52
CA LYS A 146 19.02 -16.04 -3.23
C LYS A 146 19.39 -17.51 -3.29
N ILE A 147 18.79 -18.26 -4.21
CA ILE A 147 19.10 -19.68 -4.35
C ILE A 147 20.52 -19.89 -4.84
N GLU A 148 21.13 -18.85 -5.39
CA GLU A 148 22.49 -18.99 -5.92
C GLU A 148 23.56 -18.94 -4.82
N LEU A 149 23.12 -18.74 -3.58
CA LEU A 149 24.05 -18.67 -2.45
C LEU A 149 24.07 -19.93 -1.59
N VAL A 150 23.14 -20.85 -1.82
CA VAL A 150 23.07 -22.08 -1.06
C VAL A 150 23.07 -23.29 -1.99
N ASP A 151 23.50 -24.43 -1.46
CA ASP A 151 23.54 -25.67 -2.23
C ASP A 151 22.16 -26.25 -2.48
N LYS A 152 22.11 -27.26 -3.32
CA LYS A 152 20.88 -27.95 -3.68
C LYS A 152 20.12 -28.50 -2.48
N GLU A 153 20.84 -29.08 -1.53
CA GLU A 153 20.18 -29.65 -0.36
C GLU A 153 19.62 -28.64 0.62
N LYS A 154 20.37 -27.59 0.92
CA LYS A 154 19.86 -26.59 1.85
C LYS A 154 18.69 -25.84 1.25
N ALA A 155 18.64 -25.80 -0.08
CA ALA A 155 17.54 -25.12 -0.75
C ALA A 155 16.25 -25.91 -0.51
N LEU A 156 16.34 -27.23 -0.58
CA LEU A 156 15.18 -28.08 -0.37
C LEU A 156 14.75 -28.07 1.09
N GLU A 157 15.71 -27.89 1.99
CA GLU A 157 15.39 -27.86 3.41
C GLU A 157 14.64 -26.56 3.71
N ASN A 158 15.14 -25.45 3.18
CA ASN A 158 14.50 -24.16 3.38
C ASN A 158 13.06 -24.26 2.88
N TYR A 159 12.88 -24.89 1.72
CA TYR A 159 11.57 -25.06 1.11
C TYR A 159 10.62 -25.76 2.09
N ARG A 160 11.09 -26.84 2.74
CA ARG A 160 10.27 -27.55 3.71
C ARG A 160 9.84 -26.66 4.86
N GLN A 161 10.78 -25.86 5.37
CA GLN A 161 10.50 -24.96 6.48
C GLN A 161 9.41 -23.97 6.10
N ILE A 162 9.48 -23.48 4.86
CA ILE A 162 8.51 -22.54 4.35
C ILE A 162 7.13 -23.19 4.32
N LYS A 163 7.06 -24.43 3.85
CA LYS A 163 5.79 -25.15 3.78
C LYS A 163 5.17 -25.30 5.16
N GLU A 164 6.00 -25.53 6.17
CA GLU A 164 5.52 -25.68 7.53
C GLU A 164 5.10 -24.33 8.09
N PHE A 165 5.80 -23.28 7.65
CA PHE A 165 5.54 -21.92 8.09
C PHE A 165 4.18 -21.41 7.60
N ILE A 166 3.82 -21.75 6.38
CA ILE A 166 2.56 -21.28 5.81
C ILE A 166 1.34 -22.14 6.06
N GLU A 167 1.53 -23.33 6.61
CA GLU A 167 0.40 -24.21 6.87
C GLU A 167 -0.64 -23.56 7.78
N GLY A 168 -1.90 -23.59 7.34
CA GLY A 168 -2.98 -23.03 8.12
C GLY A 168 -3.13 -21.51 8.07
N THR A 169 -2.37 -20.87 7.19
CA THR A 169 -2.41 -19.42 7.07
C THR A 169 -2.97 -19.02 5.71
N VAL A 170 -3.16 -17.72 5.50
CA VAL A 170 -3.67 -17.22 4.23
C VAL A 170 -2.71 -17.54 3.09
N ALA A 171 -1.48 -17.94 3.43
CA ALA A 171 -0.49 -18.26 2.41
C ALA A 171 -0.30 -19.76 2.16
N GLU A 172 -1.09 -20.59 2.85
CA GLU A 172 -0.98 -22.04 2.70
C GLU A 172 -0.92 -22.56 1.26
N ASN A 173 -1.78 -22.04 0.40
CA ASN A 173 -1.81 -22.49 -0.99
C ASN A 173 -0.96 -21.68 -1.95
N ALA A 174 -0.11 -20.81 -1.42
CA ALA A 174 0.73 -19.98 -2.26
C ALA A 174 1.87 -20.77 -2.91
N PRO A 175 2.19 -20.45 -4.17
CA PRO A 175 3.29 -21.16 -4.83
C PRO A 175 4.59 -20.67 -4.22
N ILE A 176 5.58 -21.54 -4.18
CA ILE A 176 6.89 -21.18 -3.64
C ILE A 176 7.78 -21.27 -4.87
N ILE A 177 8.34 -20.14 -5.27
CA ILE A 177 9.17 -20.10 -6.47
C ILE A 177 10.63 -19.81 -6.17
N PRO A 178 11.50 -20.79 -6.41
CA PRO A 178 12.94 -20.63 -6.17
C PRO A 178 13.47 -19.68 -7.22
N ILE A 179 14.07 -18.58 -6.78
CA ILE A 179 14.60 -17.61 -7.73
C ILE A 179 15.94 -17.02 -7.30
N SER A 180 16.61 -16.43 -8.27
CA SER A 180 17.87 -15.74 -8.06
C SER A 180 17.67 -14.42 -8.78
N ALA A 181 17.32 -13.39 -8.02
CA ALA A 181 17.08 -12.06 -8.58
C ALA A 181 18.35 -11.52 -9.23
N LEU A 182 19.50 -11.89 -8.66
CA LEU A 182 20.78 -11.40 -9.16
C LEU A 182 21.11 -11.97 -10.54
N HIS A 183 20.96 -13.29 -10.68
CA HIS A 183 21.27 -13.94 -11.95
C HIS A 183 20.07 -13.93 -12.90
N GLY A 184 18.88 -13.76 -12.34
CA GLY A 184 17.68 -13.73 -13.15
C GLY A 184 17.12 -15.12 -13.39
N ALA A 185 17.45 -16.06 -12.51
CA ALA A 185 16.98 -17.43 -12.66
C ALA A 185 15.53 -17.58 -12.19
N ASN A 186 14.69 -18.18 -13.03
CA ASN A 186 13.28 -18.41 -12.70
C ASN A 186 12.40 -17.17 -12.60
N ILE A 187 12.90 -16.02 -13.04
CA ILE A 187 12.11 -14.78 -12.99
C ILE A 187 10.89 -14.93 -13.90
N ASP A 188 11.05 -15.64 -15.01
CA ASP A 188 9.93 -15.84 -15.93
C ASP A 188 8.83 -16.64 -15.25
N VAL A 189 9.21 -17.59 -14.41
CA VAL A 189 8.24 -18.41 -13.67
C VAL A 189 7.51 -17.51 -12.66
N LEU A 190 8.24 -16.59 -12.05
CA LEU A 190 7.64 -15.66 -11.08
C LEU A 190 6.65 -14.72 -11.77
N VAL A 191 7.04 -14.17 -12.92
CA VAL A 191 6.17 -13.25 -13.62
C VAL A 191 4.87 -13.95 -14.07
N LYS A 192 4.98 -15.16 -14.58
CA LYS A 192 3.79 -15.90 -14.99
C LYS A 192 2.93 -16.18 -13.77
N ALA A 193 3.57 -16.42 -12.63
CA ALA A 193 2.83 -16.68 -11.39
C ALA A 193 2.05 -15.43 -11.01
N ILE A 194 2.61 -14.25 -11.28
CA ILE A 194 1.90 -13.02 -10.98
C ILE A 194 0.62 -13.00 -11.81
N GLU A 195 0.69 -13.48 -13.05
CA GLU A 195 -0.50 -13.52 -13.91
C GLU A 195 -1.51 -14.56 -13.43
N ASP A 196 -1.02 -15.70 -12.96
CA ASP A 196 -1.89 -16.78 -12.52
C ASP A 196 -2.44 -16.64 -11.11
N PHE A 197 -1.65 -16.12 -10.18
CA PHE A 197 -2.10 -16.00 -8.81
C PHE A 197 -2.53 -14.61 -8.34
N ILE A 198 -2.26 -13.59 -9.16
CA ILE A 198 -2.70 -12.25 -8.80
C ILE A 198 -3.40 -11.64 -10.01
N PRO A 199 -4.51 -12.27 -10.43
CA PRO A 199 -5.24 -11.75 -11.58
C PRO A 199 -5.95 -10.46 -11.18
N THR A 200 -6.30 -9.63 -12.16
CA THR A 200 -7.00 -8.39 -11.88
C THR A 200 -8.38 -8.75 -11.33
N PRO A 201 -8.74 -8.19 -10.16
CA PRO A 201 -10.04 -8.47 -9.56
C PRO A 201 -11.21 -7.99 -10.41
N LYS A 202 -12.34 -8.68 -10.28
CA LYS A 202 -13.54 -8.33 -11.04
C LYS A 202 -14.23 -7.17 -10.34
N ARG A 203 -13.73 -5.96 -10.59
CA ARG A 203 -14.26 -4.75 -9.97
C ARG A 203 -15.50 -4.19 -10.66
N ASP A 204 -16.48 -3.76 -9.87
CA ASP A 204 -17.69 -3.15 -10.40
C ASP A 204 -17.36 -1.68 -10.60
N PRO A 205 -17.06 -1.27 -11.85
CA PRO A 205 -16.71 0.12 -12.16
C PRO A 205 -17.82 1.15 -11.96
N ASN A 206 -19.02 0.69 -11.62
CA ASN A 206 -20.13 1.62 -11.41
C ASN A 206 -20.30 2.07 -9.96
N LYS A 207 -19.67 1.36 -9.03
CA LYS A 207 -19.77 1.73 -7.63
C LYS A 207 -19.30 3.17 -7.44
N PRO A 208 -19.79 3.84 -6.39
CA PRO A 208 -19.40 5.22 -6.10
C PRO A 208 -17.88 5.32 -6.03
N PRO A 209 -17.30 6.28 -6.76
CA PRO A 209 -15.84 6.42 -6.74
C PRO A 209 -15.28 6.84 -5.39
N LYS A 210 -14.09 6.35 -5.08
CA LYS A 210 -13.41 6.71 -3.85
C LYS A 210 -11.91 6.66 -4.08
N LEU A 212 -8.11 7.63 -2.19
CA LEU A 212 -7.42 7.99 -0.95
C LEU A 212 -6.29 8.88 -1.42
N VAL A 213 -6.28 10.14 -0.98
CA VAL A 213 -5.24 11.08 -1.39
C VAL A 213 -3.94 10.88 -0.62
N LEU A 214 -2.87 10.65 -1.37
CA LEU A 214 -1.55 10.44 -0.79
C LEU A 214 -0.77 11.75 -0.70
N ARG A 215 -0.82 12.54 -1.77
CA ARG A 215 -0.10 13.81 -1.84
C ARG A 215 -0.93 14.87 -2.56
N SER A 216 -0.50 16.12 -2.43
CA SER A 216 -1.18 17.23 -3.11
C SER A 216 -0.12 18.30 -3.34
N PHE A 217 -0.14 18.94 -4.50
CA PHE A 217 0.84 19.97 -4.78
C PHE A 217 0.34 21.12 -5.63
N ASP A 218 1.20 22.13 -5.70
CA ASP A 218 0.99 23.32 -6.51
C ASP A 218 2.03 23.09 -7.59
N VAL A 219 1.60 22.62 -8.75
CA VAL A 219 2.54 22.37 -9.83
C VAL A 219 2.85 23.62 -10.64
N ASN A 220 2.23 24.74 -10.29
CA ASN A 220 2.51 25.96 -11.04
C ASN A 220 4.01 26.27 -10.94
N LYS A 221 4.67 26.11 -12.09
CA LYS A 221 6.13 26.25 -12.35
C LYS A 221 7.06 27.43 -11.93
N PRO A 222 6.52 28.46 -11.24
CA PRO A 222 7.10 29.69 -10.69
C PRO A 222 8.44 29.95 -10.00
N GLY A 223 8.44 31.12 -9.36
CA GLY A 223 9.56 31.67 -8.63
C GLY A 223 8.98 32.93 -7.98
N LEU A 229 -1.86 29.20 -15.84
CA LEU A 229 -1.79 28.61 -14.51
C LEU A 229 -2.66 27.36 -14.43
N VAL A 230 -2.28 26.43 -13.55
CA VAL A 230 -3.00 25.18 -13.39
C VAL A 230 -3.60 25.04 -11.99
N GLY A 231 -4.79 24.45 -11.91
CA GLY A 231 -5.43 24.26 -10.63
C GLY A 231 -4.63 23.31 -9.76
N GLY A 232 -5.02 23.17 -8.50
CA GLY A 232 -4.31 22.29 -7.60
C GLY A 232 -4.33 20.84 -8.08
N VAL A 233 -3.29 20.09 -7.72
CA VAL A 233 -3.19 18.70 -8.14
C VAL A 233 -3.15 17.72 -6.96
N LEU A 234 -3.86 16.61 -7.11
CA LEU A 234 -3.89 15.59 -6.07
C LEU A 234 -3.23 14.33 -6.60
N GLY A 235 -2.60 13.57 -5.70
CA GLY A 235 -1.97 12.33 -6.08
C GLY A 235 -2.51 11.25 -5.15
N GLY A 236 -3.08 10.19 -5.71
CA GLY A 236 -3.64 9.16 -4.85
C GLY A 236 -3.97 7.83 -5.50
N SER A 237 -4.66 7.00 -4.73
CA SER A 237 -5.05 5.67 -5.17
C SER A 237 -6.56 5.54 -5.23
N ILE A 238 -7.06 5.08 -6.37
CA ILE A 238 -8.49 4.88 -6.51
C ILE A 238 -8.74 3.48 -5.94
N VAL A 239 -9.60 3.38 -4.93
CA VAL A 239 -9.86 2.07 -4.35
C VAL A 239 -11.24 1.51 -4.69
N GLN A 240 -12.06 2.35 -5.31
CA GLN A 240 -13.41 1.97 -5.70
C GLN A 240 -13.90 2.83 -6.87
N GLY A 241 -14.71 2.23 -7.73
CA GLY A 241 -15.25 2.96 -8.87
C GLY A 241 -14.19 3.43 -9.84
N LYS A 242 -14.41 4.61 -10.41
CA LYS A 242 -13.50 5.19 -11.38
C LYS A 242 -13.66 6.70 -11.38
N LEU A 243 -12.65 7.40 -11.90
CA LEU A 243 -12.67 8.85 -12.01
C LEU A 243 -12.62 9.19 -13.50
N LYS A 244 -13.22 10.31 -13.87
CA LYS A 244 -13.24 10.71 -15.27
C LYS A 244 -13.14 12.23 -15.40
N VAL A 245 -12.34 12.69 -16.36
CA VAL A 245 -12.18 14.12 -16.59
C VAL A 245 -13.56 14.76 -16.70
N GLY A 246 -13.74 15.90 -16.04
CA GLY A 246 -15.02 16.57 -16.08
C GLY A 246 -15.92 16.28 -14.89
N ASP A 247 -15.65 15.19 -14.16
CA ASP A 247 -16.46 14.83 -13.01
C ASP A 247 -16.38 15.87 -11.91
N GLU A 248 -17.48 16.01 -11.18
CA GLU A 248 -17.51 16.92 -10.04
C GLU A 248 -17.10 16.03 -8.88
N ILE A 249 -16.14 16.49 -8.07
CA ILE A 249 -15.69 15.70 -6.92
C ILE A 249 -15.74 16.49 -5.63
N GLU A 250 -15.84 15.77 -4.52
CA GLU A 250 -15.89 16.37 -3.19
C GLU A 250 -14.73 15.78 -2.38
N ILE A 251 -14.07 16.62 -1.60
CA ILE A 251 -12.94 16.19 -0.79
C ILE A 251 -13.20 16.43 0.69
N ARG A 252 -13.07 15.37 1.48
CA ARG A 252 -13.29 15.44 2.93
C ARG A 252 -12.06 14.92 3.66
N PRO A 253 -11.77 15.43 4.87
CA PRO A 253 -12.51 16.45 5.64
C PRO A 253 -12.54 17.83 5.00
N GLY A 254 -11.52 18.15 4.22
CA GLY A 254 -11.48 19.45 3.57
C GLY A 254 -10.51 20.46 4.15
N VAL A 255 -10.83 21.73 3.93
CA VAL A 255 -10.00 22.85 4.38
C VAL A 255 -10.28 23.29 5.81
N PRO A 256 -9.22 23.48 6.59
CA PRO A 256 -9.37 23.91 7.99
C PRO A 256 -9.74 25.38 8.08
N TYR A 257 -10.55 25.72 9.07
CA TYR A 257 -10.93 27.10 9.30
C TYR A 257 -11.22 27.23 10.79
N GLU A 258 -11.03 28.42 11.33
CA GLU A 258 -11.26 28.64 12.74
C GLU A 258 -12.63 29.27 12.96
N GLU A 259 -13.31 28.79 14.00
CA GLU A 259 -14.63 29.28 14.35
C GLU A 259 -14.73 29.25 15.87
N HIS A 260 -14.88 30.43 16.46
CA HIS A 260 -14.97 30.57 17.91
C HIS A 260 -13.85 29.82 18.64
N GLY A 261 -12.61 30.11 18.25
CA GLY A 261 -11.46 29.48 18.88
C GLY A 261 -11.36 27.98 18.68
N ARG A 262 -12.05 27.47 17.67
CA ARG A 262 -12.02 26.04 17.39
C ARG A 262 -11.72 25.79 15.92
N ILE A 263 -11.05 24.69 15.63
CA ILE A 263 -10.71 24.35 14.26
C ILE A 263 -11.72 23.39 13.67
N LYS A 264 -12.29 23.75 12.53
CA LYS A 264 -13.27 22.92 11.86
C LYS A 264 -12.79 22.69 10.43
N TYR A 265 -13.45 21.77 9.72
CA TYR A 265 -13.07 21.47 8.34
C TYR A 265 -14.25 21.55 7.40
N GLU A 266 -14.05 22.25 6.28
CA GLU A 266 -15.10 22.41 5.30
C GLU A 266 -14.83 21.56 4.07
N PRO A 267 -15.74 20.62 3.77
CA PRO A 267 -15.53 19.77 2.59
C PRO A 267 -15.45 20.70 1.39
N ILE A 268 -14.63 20.33 0.41
CA ILE A 268 -14.48 21.16 -0.78
C ILE A 268 -14.94 20.40 -2.01
N THR A 269 -15.58 21.12 -2.93
CA THR A 269 -16.05 20.53 -4.18
C THR A 269 -15.32 21.23 -5.31
N THR A 270 -14.89 20.47 -6.30
CA THR A 270 -14.18 21.03 -7.45
C THR A 270 -14.45 20.16 -8.66
N GLU A 271 -13.75 20.41 -9.76
CA GLU A 271 -13.98 19.61 -10.96
C GLU A 271 -12.66 19.05 -11.45
N ILE A 272 -12.71 17.86 -12.03
CA ILE A 272 -11.51 17.22 -12.55
C ILE A 272 -11.13 17.77 -13.92
N VAL A 273 -9.97 18.42 -13.99
CA VAL A 273 -9.47 18.99 -15.23
C VAL A 273 -8.67 17.95 -16.02
N SER A 274 -7.86 17.17 -15.30
CA SER A 274 -7.04 16.15 -15.94
C SER A 274 -6.75 14.94 -15.06
N LEU A 275 -6.35 13.85 -15.70
CA LEU A 275 -6.02 12.61 -15.02
C LEU A 275 -4.76 12.04 -15.62
N GLN A 276 -3.86 11.60 -14.76
CA GLN A 276 -2.58 11.04 -15.20
C GLN A 276 -2.38 9.70 -14.51
N ALA A 277 -2.10 8.67 -15.30
CA ALA A 277 -1.89 7.32 -14.78
C ALA A 277 -1.04 6.55 -15.78
N GLY A 278 -0.20 5.66 -15.26
CA GLY A 278 0.64 4.87 -16.13
C GLY A 278 1.63 5.71 -16.92
N GLY A 279 1.87 6.93 -16.46
CA GLY A 279 2.80 7.81 -17.14
C GLY A 279 2.21 8.57 -18.31
N GLN A 280 0.88 8.64 -18.39
CA GLN A 280 0.21 9.34 -19.49
C GLN A 280 -1.09 9.98 -19.04
N PHE A 281 -1.52 10.99 -19.77
CA PHE A 281 -2.78 11.65 -19.46
C PHE A 281 -3.89 10.77 -20.02
N VAL A 282 -4.94 10.57 -19.23
CA VAL A 282 -6.06 9.73 -19.64
C VAL A 282 -7.37 10.47 -19.37
N GLU A 283 -8.46 9.96 -19.95
CA GLU A 283 -9.76 10.58 -19.75
C GLU A 283 -10.52 9.88 -18.62
N GLU A 284 -10.00 8.73 -18.21
CA GLU A 284 -10.63 7.95 -17.15
C GLU A 284 -9.55 7.12 -16.45
N ALA A 285 -9.61 7.09 -15.11
CA ALA A 285 -8.64 6.34 -14.31
C ALA A 285 -9.34 5.33 -13.40
N TYR A 286 -8.65 4.23 -13.10
CA TYR A 286 -9.20 3.16 -12.27
C TYR A 286 -8.28 2.75 -11.14
N PRO A 287 -8.71 1.78 -10.30
CA PRO A 287 -7.86 1.32 -9.19
C PRO A 287 -6.59 0.75 -9.81
N GLY A 288 -5.48 0.84 -9.08
CA GLY A 288 -4.23 0.31 -9.59
C GLY A 288 -3.25 1.40 -9.91
N GLY A 289 -2.13 1.40 -9.20
CA GLY A 289 -1.11 2.41 -9.42
C GLY A 289 -1.53 3.76 -8.86
N LEU A 290 -0.63 4.72 -8.97
CA LEU A 290 -0.87 6.10 -8.53
C LEU A 290 -1.61 6.85 -9.62
N VAL A 291 -2.53 7.72 -9.22
CA VAL A 291 -3.30 8.50 -10.19
C VAL A 291 -3.15 9.99 -9.87
N GLY A 292 -2.80 10.78 -10.89
CA GLY A 292 -2.67 12.22 -10.70
C GLY A 292 -3.99 12.89 -11.06
N VAL A 293 -4.47 13.78 -10.20
CA VAL A 293 -5.75 14.44 -10.45
C VAL A 293 -5.66 15.97 -10.56
N GLY A 294 -5.83 16.48 -11.77
CA GLY A 294 -5.79 17.91 -11.98
C GLY A 294 -7.17 18.43 -11.68
N THR A 295 -7.26 19.50 -10.90
CA THR A 295 -8.55 20.07 -10.52
C THR A 295 -8.58 21.57 -10.80
N LYS A 296 -9.72 22.20 -10.48
CA LYS A 296 -9.89 23.64 -10.67
C LYS A 296 -9.57 24.39 -9.37
N LEU A 297 -9.21 23.64 -8.33
CA LEU A 297 -8.90 24.22 -7.03
C LEU A 297 -7.78 25.25 -7.01
N ASP A 298 -7.93 26.23 -6.13
CA ASP A 298 -6.91 27.26 -5.95
C ASP A 298 -5.69 26.49 -5.47
N PRO A 299 -4.56 26.58 -6.19
CA PRO A 299 -3.32 25.89 -5.85
C PRO A 299 -2.86 26.06 -4.39
N TYR A 300 -3.30 27.13 -3.75
CA TYR A 300 -2.93 27.38 -2.35
C TYR A 300 -3.52 26.30 -1.45
N LEU A 301 -4.62 25.69 -1.89
CA LEU A 301 -5.29 24.66 -1.11
C LEU A 301 -4.64 23.28 -1.19
N THR A 302 -3.81 23.05 -2.21
CA THR A 302 -3.16 21.74 -2.35
C THR A 302 -1.66 21.80 -2.10
N LYS A 303 -1.09 23.00 -2.19
CA LYS A 303 0.34 23.18 -1.99
C LYS A 303 0.86 22.59 -0.68
N GLY A 304 2.02 21.96 -0.75
CA GLY A 304 2.62 21.38 0.44
C GLY A 304 1.85 20.25 1.07
N ASP A 305 1.14 19.46 0.27
CA ASP A 305 0.39 18.32 0.76
C ASP A 305 -0.72 18.63 1.76
N LEU A 306 -1.37 19.78 1.61
CA LEU A 306 -2.44 20.15 2.54
C LEU A 306 -3.61 19.16 2.48
N ALA A 308 -3.27 15.81 1.75
CA ALA A 308 -2.83 14.43 1.96
C ALA A 308 -3.69 13.80 3.05
N GLY A 309 -4.10 12.56 2.85
CA GLY A 309 -4.91 11.90 3.85
C GLY A 309 -6.40 12.08 3.64
N ASN A 310 -6.78 13.04 2.81
CA ASN A 310 -8.19 13.29 2.52
C ASN A 310 -8.75 12.19 1.62
N VAL A 311 -10.08 12.12 1.53
CA VAL A 311 -10.75 11.12 0.70
C VAL A 311 -11.52 11.86 -0.41
N VAL A 312 -11.46 11.32 -1.63
CA VAL A 312 -12.14 11.92 -2.77
C VAL A 312 -13.25 11.03 -3.28
N GLY A 313 -14.37 11.65 -3.62
CA GLY A 313 -15.51 10.92 -4.15
C GLY A 313 -16.43 11.87 -4.89
N LYS A 314 -17.62 11.40 -5.26
CA LYS A 314 -18.57 12.27 -5.94
C LYS A 314 -19.47 12.88 -4.87
N PRO A 315 -19.89 14.14 -5.07
CA PRO A 315 -20.75 14.85 -4.10
C PRO A 315 -21.85 13.98 -3.49
N GLY A 316 -21.97 14.04 -2.17
CA GLY A 316 -22.98 13.27 -1.47
C GLY A 316 -22.78 11.76 -1.40
N LYS A 317 -21.65 11.29 -1.91
CA LYS A 317 -21.39 9.85 -1.88
C LYS A 317 -20.01 9.52 -1.32
N LEU A 318 -19.73 10.04 -0.13
CA LEU A 318 -18.46 9.79 0.53
C LEU A 318 -18.67 9.26 1.94
N PRO A 319 -17.65 8.60 2.50
CA PRO A 319 -17.81 8.09 3.86
C PRO A 319 -17.94 9.26 4.84
N PRO A 320 -18.51 9.01 6.03
CA PRO A 320 -18.68 10.08 7.02
C PRO A 320 -17.35 10.57 7.57
N VAL A 321 -17.38 11.74 8.22
CA VAL A 321 -16.20 12.33 8.84
C VAL A 321 -16.33 12.10 10.35
N TRP A 322 -15.25 11.70 10.99
CA TRP A 322 -15.29 11.44 12.43
C TRP A 322 -14.40 12.37 13.22
N ASP A 323 -14.92 12.88 14.35
CA ASP A 323 -14.15 13.75 15.22
C ASP A 323 -13.61 12.88 16.36
N SER A 324 -14.23 11.72 16.54
CA SER A 324 -13.83 10.78 17.57
C SER A 324 -14.22 9.39 17.08
N LEU A 325 -13.53 8.38 17.58
CA LEU A 325 -13.79 7.00 17.15
C LEU A 325 -13.91 6.04 18.32
N ARG A 326 -14.74 5.02 18.14
CA ARG A 326 -14.88 3.95 19.12
C ARG A 326 -14.26 2.80 18.35
N LEU A 327 -13.16 2.26 18.87
CA LEU A 327 -12.45 1.20 18.19
C LEU A 327 -12.41 -0.12 18.95
N GLU A 328 -12.72 -1.19 18.22
CA GLU A 328 -12.63 -2.53 18.77
C GLU A 328 -11.13 -2.77 18.57
N VAL A 329 -10.41 -2.96 19.67
CA VAL A 329 -8.96 -3.13 19.62
C VAL A 329 -8.43 -4.55 19.69
N HIS A 330 -7.43 -4.81 18.84
CA HIS A 330 -6.77 -6.11 18.75
C HIS A 330 -5.27 -5.80 18.87
N LEU A 331 -4.69 -6.08 20.03
CA LEU A 331 -3.28 -5.82 20.24
C LEU A 331 -2.46 -6.93 19.60
N LEU A 332 -1.35 -6.55 18.96
CA LEU A 332 -0.50 -7.51 18.29
C LEU A 332 0.44 -8.26 19.22
N GLU A 333 0.62 -9.55 18.92
CA GLU A 333 1.54 -10.38 19.67
C GLU A 333 2.77 -10.39 18.77
N ARG A 334 3.54 -9.30 18.84
CA ARG A 334 4.73 -9.13 18.03
C ARG A 334 5.94 -9.94 18.47
N VAL A 335 6.85 -10.16 17.52
CA VAL A 335 8.07 -10.92 17.79
C VAL A 335 9.32 -10.11 17.42
N VAL A 336 9.10 -8.95 16.81
CA VAL A 336 10.20 -8.07 16.43
C VAL A 336 10.28 -6.90 17.40
N GLY A 337 11.43 -6.74 18.05
CA GLY A 337 11.60 -5.67 19.00
C GLY A 337 12.45 -6.10 20.18
N THR A 338 12.75 -5.18 21.09
CA THR A 338 13.55 -5.51 22.27
C THR A 338 12.73 -6.41 23.19
N GLU A 339 13.37 -6.91 24.24
CA GLU A 339 12.76 -7.80 25.22
C GLU A 339 11.37 -7.41 25.76
N GLN A 340 11.26 -6.16 26.24
CA GLN A 340 10.02 -5.65 26.82
C GLN A 340 9.07 -5.04 25.78
N GLU A 341 9.63 -4.50 24.70
CA GLU A 341 8.82 -3.89 23.65
C GLU A 341 7.74 -4.84 23.15
N LEU A 342 7.93 -6.13 23.44
CA LEU A 342 7.00 -7.17 23.02
C LEU A 342 5.86 -7.41 24.00
N LYS A 343 6.05 -7.00 25.25
CA LYS A 343 5.04 -7.20 26.30
C LYS A 343 3.73 -6.42 26.13
N VAL A 344 3.81 -5.24 25.51
CA VAL A 344 2.65 -4.38 25.29
C VAL A 344 1.63 -4.32 26.43
N GLU A 345 1.72 -3.27 27.21
CA GLU A 345 0.81 -3.04 28.33
C GLU A 345 -0.51 -2.52 27.77
N PRO A 346 -1.63 -2.88 28.42
CA PRO A 346 -2.96 -2.43 27.97
C PRO A 346 -3.05 -0.92 27.77
N ILE A 347 -3.94 -0.49 26.90
CA ILE A 347 -4.14 0.92 26.60
C ILE A 347 -4.86 1.60 27.77
N LYS A 348 -4.32 2.74 28.21
CA LYS A 348 -4.94 3.47 29.31
C LYS A 348 -5.54 4.80 28.90
N ARG A 349 -6.52 5.26 29.65
CA ARG A 349 -7.14 6.54 29.37
C ARG A 349 -6.04 7.60 29.42
N LYS A 350 -6.23 8.68 28.66
CA LYS A 350 -5.28 9.79 28.60
C LYS A 350 -4.04 9.52 27.73
N GLU A 351 -3.88 8.31 27.22
CA GLU A 351 -2.75 8.04 26.33
C GLU A 351 -3.03 8.78 25.01
N VAL A 352 -1.97 9.25 24.37
CA VAL A 352 -2.11 9.90 23.07
C VAL A 352 -1.46 8.93 22.09
N LEU A 353 -2.29 8.30 21.28
CA LEU A 353 -1.85 7.30 20.31
C LEU A 353 -1.74 7.88 18.90
N LEU A 354 -0.96 7.21 18.06
CA LEU A 354 -0.79 7.60 16.67
C LEU A 354 -1.70 6.67 15.88
N LEU A 355 -2.60 7.25 15.09
CA LEU A 355 -3.55 6.46 14.32
C LEU A 355 -3.41 6.67 12.81
N ASN A 356 -3.44 5.57 12.06
CA ASN A 356 -3.33 5.61 10.60
C ASN A 356 -4.51 4.85 10.03
N VAL A 357 -5.33 5.53 9.23
CA VAL A 357 -6.49 4.89 8.60
C VAL A 357 -6.47 5.35 7.15
N GLY A 358 -6.35 4.39 6.23
CA GLY A 358 -6.25 4.74 4.83
C GLY A 358 -4.94 5.50 4.70
N THR A 359 -4.96 6.67 4.06
CA THR A 359 -3.75 7.46 3.94
C THR A 359 -3.74 8.57 4.99
N ALA A 360 -4.76 8.59 5.82
CA ALA A 360 -4.89 9.60 6.87
C ALA A 360 -4.08 9.24 8.12
N ARG A 361 -3.56 10.26 8.78
CA ARG A 361 -2.75 10.09 9.98
C ARG A 361 -3.14 11.16 11.01
N THR A 362 -3.42 10.75 12.24
CA THR A 362 -3.78 11.70 13.28
C THR A 362 -3.52 11.15 14.66
N GLY A 364 -4.49 10.55 18.57
CA GLY A 364 -5.76 10.27 19.20
C GLY A 364 -5.59 10.22 20.71
N LEU A 365 -6.47 10.91 21.43
CA LEU A 365 -6.42 10.93 22.88
C LEU A 365 -7.46 9.94 23.37
N VAL A 366 -7.02 8.97 24.18
CA VAL A 366 -7.96 7.98 24.70
C VAL A 366 -8.82 8.61 25.80
N THR A 367 -10.13 8.71 25.53
CA THR A 367 -11.06 9.31 26.47
C THR A 367 -11.96 8.30 27.17
N GLY A 368 -11.95 7.06 26.71
CA GLY A 368 -12.81 6.05 27.33
C GLY A 368 -12.38 4.64 26.99
N LEU A 369 -12.78 3.68 27.82
CA LEU A 369 -12.44 2.28 27.63
C LEU A 369 -13.67 1.37 27.72
N GLY A 370 -13.65 0.29 26.96
CA GLY A 370 -14.73 -0.67 26.97
C GLY A 370 -14.08 -2.05 26.90
N LYS A 371 -14.87 -3.10 26.70
CA LYS A 371 -14.26 -4.43 26.60
C LYS A 371 -13.59 -4.59 25.24
N ASP A 372 -12.26 -4.69 25.25
CA ASP A 372 -11.49 -4.82 24.01
C ASP A 372 -11.87 -3.64 23.12
N GLU A 373 -12.06 -2.49 23.75
CA GLU A 373 -12.49 -1.30 23.05
C GLU A 373 -11.94 -0.02 23.68
N ILE A 374 -11.72 0.99 22.85
CA ILE A 374 -11.28 2.29 23.35
C ILE A 374 -12.03 3.37 22.58
N GLU A 375 -12.14 4.54 23.19
CA GLU A 375 -12.79 5.69 22.59
C GLU A 375 -11.68 6.72 22.50
N VAL A 376 -11.47 7.28 21.31
CA VAL A 376 -10.41 8.29 21.14
C VAL A 376 -10.89 9.56 20.47
N LYS A 377 -10.50 10.70 21.03
CA LYS A 377 -10.84 12.00 20.46
C LYS A 377 -9.71 12.27 19.47
N LEU A 378 -10.04 12.61 18.22
CA LEU A 378 -9.01 12.84 17.22
C LEU A 378 -8.49 14.27 17.14
N GLN A 379 -7.19 14.41 16.92
CA GLN A 379 -6.61 15.73 16.77
C GLN A 379 -7.13 16.30 15.46
N ILE A 380 -7.18 15.45 14.44
CA ILE A 380 -7.65 15.82 13.11
C ILE A 380 -8.77 14.87 12.68
N PRO A 381 -9.91 15.40 12.21
CA PRO A 381 -11.02 14.53 11.78
C PRO A 381 -10.56 13.64 10.63
N VAL A 382 -11.16 12.46 10.49
CA VAL A 382 -10.80 11.55 9.41
C VAL A 382 -12.06 11.11 8.67
N CYS A 383 -11.92 10.83 7.38
CA CYS A 383 -13.03 10.37 6.56
C CYS A 383 -12.89 8.86 6.41
N ALA A 384 -13.83 8.11 7.00
CA ALA A 384 -13.78 6.66 6.95
C ALA A 384 -15.16 6.01 7.16
N GLU A 385 -15.25 4.73 6.80
CA GLU A 385 -16.50 3.98 6.94
C GLU A 385 -16.46 3.09 8.19
N PRO A 386 -17.65 2.82 8.76
CA PRO A 386 -17.66 1.96 9.95
C PRO A 386 -17.09 0.63 9.45
N GLY A 387 -16.29 -0.05 10.26
CA GLY A 387 -15.72 -1.30 9.81
C GLY A 387 -14.30 -1.16 9.28
N ASP A 388 -13.88 0.07 8.97
CA ASP A 388 -12.53 0.29 8.46
C ASP A 388 -11.50 0.00 9.55
N ARG A 389 -10.34 -0.46 9.12
CA ARG A 389 -9.23 -0.82 10.00
C ARG A 389 -8.28 0.35 10.23
N VAL A 390 -7.87 0.52 11.48
CA VAL A 390 -6.98 1.62 11.88
C VAL A 390 -5.73 1.09 12.58
N ALA A 391 -4.56 1.45 12.10
CA ALA A 391 -3.34 1.00 12.76
C ALA A 391 -3.16 1.87 14.01
N ILE A 392 -2.75 1.25 15.11
CA ILE A 392 -2.54 1.97 16.36
C ILE A 392 -1.09 1.88 16.80
N SER A 393 -0.48 3.04 17.02
CA SER A 393 0.91 3.08 17.44
C SER A 393 1.06 3.82 18.76
N ARG A 394 2.06 3.42 19.54
CA ARG A 394 2.35 4.03 20.84
C ARG A 394 3.77 4.56 20.84
N GLN A 395 3.97 5.73 21.44
CA GLN A 395 5.29 6.34 21.50
C GLN A 395 6.03 5.71 22.69
N ILE A 396 6.73 4.61 22.41
CA ILE A 396 7.48 3.88 23.41
C ILE A 396 8.89 4.45 23.55
N GLY A 397 8.98 5.57 24.27
CA GLY A 397 10.25 6.22 24.47
C GLY A 397 10.34 7.54 23.73
N SER A 398 10.71 7.46 22.46
CA SER A 398 10.85 8.65 21.62
C SER A 398 10.42 8.33 20.18
N ARG A 399 10.11 7.05 19.95
CA ARG A 399 9.67 6.60 18.63
C ARG A 399 8.27 6.02 18.67
N TRP A 400 7.65 5.92 17.50
CA TRP A 400 6.30 5.35 17.41
C TRP A 400 6.41 3.88 17.07
N ARG A 401 5.82 3.04 17.89
CA ARG A 401 5.85 1.60 17.65
C ARG A 401 4.46 1.06 17.49
N LEU A 402 4.23 0.31 16.42
CA LEU A 402 2.94 -0.29 16.14
C LEU A 402 2.65 -1.32 17.24
N ILE A 403 1.48 -1.22 17.87
CA ILE A 403 1.13 -2.17 18.92
C ILE A 403 -0.16 -2.92 18.63
N GLY A 404 -0.87 -2.50 17.60
CA GLY A 404 -2.10 -3.18 17.28
C GLY A 404 -2.92 -2.48 16.23
N TYR A 405 -4.21 -2.84 16.14
CA TYR A 405 -5.09 -2.21 15.19
C TYR A 405 -6.49 -2.16 15.78
N GLY A 406 -7.31 -1.28 15.22
CA GLY A 406 -8.67 -1.16 15.70
C GLY A 406 -9.64 -1.21 14.55
N ILE A 407 -10.89 -1.55 14.84
CA ILE A 407 -11.94 -1.60 13.83
C ILE A 407 -12.93 -0.53 14.23
N ILE A 408 -13.20 0.40 13.32
CA ILE A 408 -14.11 1.49 13.60
C ILE A 408 -15.52 0.99 13.86
N LYS A 409 -16.03 1.31 15.04
CA LYS A 409 -17.37 0.90 15.44
C LYS A 409 -18.34 2.05 15.28
N GLU A 410 -19.59 1.70 14.94
CA GLU A 410 -20.62 2.70 14.80
C GLU A 410 -21.23 2.88 16.19
#